data_7C4H
#
_entry.id   7C4H
#
_cell.length_a   127.794
_cell.length_b   127.794
_cell.length_c   127.794
_cell.angle_alpha   90.000
_cell.angle_beta   90.000
_cell.angle_gamma   90.000
#
_symmetry.space_group_name_H-M   'P 21 3'
#
loop_
_entity.id
_entity.type
_entity.pdbx_description
1 polymer 'Protein BCP1'
2 non-polymer 'CALCIUM ION'
3 water water
#
_entity_poly.entity_id   1
_entity_poly.type   'polypeptide(L)'
_entity_poly.pdbx_seq_one_letter_code
;MVQAIKLNDLKNRKRKNVEEENGSDESEIDISSTDSENEEEQNGEEEIVNIDFDFFGGNPEVDFHALKNLLRQLFGPQES
TRIQLSSLADLILGSPTTTIKTDGKESDPYCFLSFVDFKANHLSDYVKYLQKVDMRLSTFFKTMIDSGNKNCALVLSERL
INMPPEVVPPLYKITLEDVATALGDDKHYDFYIIVTRKYEVNFDTDDDTDSGKRNKNKDERSKKRVKADEVDYFHEEDRF
FEKYAKIHFESEAKKGVISSYMILDHEGLVKSIDELETEISTWLEHHHHHH
;
_entity_poly.pdbx_strand_id   A,B
#
# COMPACT_ATOMS: atom_id res chain seq x y z
N GLU A 37 -27.24 -10.79 7.39
CA GLU A 37 -26.12 -11.67 7.04
C GLU A 37 -24.81 -11.16 7.65
N ASN A 38 -24.15 -10.27 6.92
CA ASN A 38 -22.87 -9.68 7.35
C ASN A 38 -23.18 -8.36 8.06
N GLU A 39 -23.10 -8.37 9.39
CA GLU A 39 -23.44 -7.19 10.17
C GLU A 39 -22.42 -6.07 10.04
N GLU A 40 -21.27 -6.32 9.38
CA GLU A 40 -20.30 -5.26 9.14
C GLU A 40 -20.52 -4.54 7.81
N GLU A 41 -21.40 -5.06 6.94
CA GLU A 41 -21.83 -4.33 5.76
C GLU A 41 -22.82 -3.25 6.16
N GLN A 42 -22.76 -2.10 5.49
CA GLN A 42 -23.64 -0.97 5.81
C GLN A 42 -23.58 -0.66 7.30
N ASN A 43 -22.35 -0.48 7.79
CA ASN A 43 -22.12 -0.17 9.20
C ASN A 43 -20.80 0.58 9.34
N GLY A 44 -20.63 1.66 8.58
CA GLY A 44 -19.48 2.54 8.74
C GLY A 44 -18.19 2.06 8.13
N GLU A 45 -18.22 0.98 7.35
CA GLU A 45 -17.00 0.36 6.84
C GLU A 45 -16.32 1.16 5.73
N GLU A 46 -16.98 2.21 5.21
CA GLU A 46 -16.39 3.04 4.16
C GLU A 46 -16.09 4.47 4.63
N GLU A 47 -16.03 4.70 5.94
CA GLU A 47 -15.68 6.03 6.41
C GLU A 47 -14.30 6.47 5.94
N ILE A 48 -13.40 5.52 5.77
CA ILE A 48 -12.03 5.81 5.36
C ILE A 48 -11.82 5.22 3.97
N VAL A 49 -11.29 6.05 3.05
CA VAL A 49 -10.89 5.57 1.74
C VAL A 49 -9.69 4.64 1.91
N ASN A 50 -9.77 3.43 1.34
CA ASN A 50 -8.67 2.46 1.41
C ASN A 50 -8.37 1.99 -0.01
N ILE A 51 -7.38 2.60 -0.67
CA ILE A 51 -7.03 2.25 -2.04
C ILE A 51 -5.88 1.26 -2.00
N ASP A 52 -6.15 0.00 -2.38
CA ASP A 52 -5.16 -1.06 -2.33
C ASP A 52 -4.85 -1.54 -3.74
N PHE A 53 -3.59 -1.85 -4.00
CA PHE A 53 -3.18 -2.30 -5.32
C PHE A 53 -3.00 -3.81 -5.26
N ASP A 54 -4.07 -4.53 -5.60
CA ASP A 54 -4.08 -5.98 -5.53
C ASP A 54 -3.77 -6.58 -6.90
N PHE A 55 -2.91 -7.59 -6.90
CA PHE A 55 -2.39 -8.18 -8.13
C PHE A 55 -3.07 -9.51 -8.40
N PHE A 56 -3.47 -9.73 -9.65
CA PHE A 56 -4.20 -10.94 -10.03
C PHE A 56 -3.68 -11.47 -11.36
N GLY A 57 -3.80 -12.77 -11.55
CA GLY A 57 -3.57 -13.31 -12.89
C GLY A 57 -4.66 -12.88 -13.84
N GLY A 58 -4.31 -12.80 -15.12
CA GLY A 58 -5.27 -12.46 -16.16
C GLY A 58 -6.49 -13.36 -16.06
N ASN A 59 -7.69 -12.80 -16.12
CA ASN A 59 -8.91 -13.57 -15.91
C ASN A 59 -9.79 -13.47 -17.14
N PRO A 60 -9.90 -14.52 -17.96
CA PRO A 60 -10.65 -14.38 -19.22
C PRO A 60 -12.14 -14.15 -19.03
N GLU A 61 -12.67 -14.39 -17.84
CA GLU A 61 -14.09 -14.18 -17.61
C GLU A 61 -14.42 -12.73 -17.27
N VAL A 62 -13.45 -11.93 -16.86
CA VAL A 62 -13.68 -10.60 -16.33
C VAL A 62 -12.97 -9.52 -17.13
N ASP A 63 -11.78 -9.80 -17.64
CA ASP A 63 -10.83 -8.74 -17.97
C ASP A 63 -10.90 -8.27 -19.42
N PHE A 64 -11.67 -8.92 -20.29
CA PHE A 64 -11.53 -8.67 -21.72
C PHE A 64 -11.81 -7.22 -22.09
N HIS A 65 -12.94 -6.68 -21.65
CA HIS A 65 -13.34 -5.35 -22.08
C HIS A 65 -12.32 -4.29 -21.66
N ALA A 66 -11.90 -4.33 -20.39
CA ALA A 66 -10.94 -3.35 -19.91
C ALA A 66 -9.58 -3.52 -20.58
N LEU A 67 -9.16 -4.77 -20.80
CA LEU A 67 -7.90 -5.00 -21.51
C LEU A 67 -7.94 -4.43 -22.91
N LYS A 68 -9.05 -4.65 -23.62
CA LYS A 68 -9.17 -4.13 -24.97
C LYS A 68 -9.04 -2.61 -24.99
N ASN A 69 -9.65 -1.96 -24.01
CA ASN A 69 -9.57 -0.50 -23.96
C ASN A 69 -8.19 -0.01 -23.53
N LEU A 70 -7.50 -0.76 -22.66
CA LEU A 70 -6.12 -0.40 -22.36
C LEU A 70 -5.23 -0.57 -23.58
N LEU A 71 -5.51 -1.56 -24.43
CA LEU A 71 -4.75 -1.68 -25.68
C LEU A 71 -5.04 -0.52 -26.61
N ARG A 72 -6.29 -0.07 -26.67
CA ARG A 72 -6.61 1.14 -27.45
C ARG A 72 -5.80 2.33 -26.96
N GLN A 73 -5.65 2.47 -25.64
CA GLN A 73 -4.85 3.57 -25.09
C GLN A 73 -3.39 3.43 -25.49
N LEU A 74 -2.86 2.21 -25.40
CA LEU A 74 -1.45 1.95 -25.69
C LEU A 74 -1.12 2.29 -27.14
N PHE A 75 -1.92 1.78 -28.08
CA PHE A 75 -1.58 1.93 -29.49
C PHE A 75 -2.04 3.25 -30.07
N GLY A 76 -3.03 3.90 -29.45
CA GLY A 76 -3.50 5.18 -29.95
C GLY A 76 -4.59 5.00 -30.99
N PRO A 77 -5.28 6.10 -31.30
CA PRO A 77 -6.48 5.98 -32.13
C PRO A 77 -6.21 5.58 -33.58
N GLN A 78 -5.02 5.86 -34.10
CA GLN A 78 -4.74 5.49 -35.48
C GLN A 78 -4.29 4.03 -35.58
N GLU A 79 -3.26 3.66 -34.81
CA GLU A 79 -2.78 2.29 -34.88
C GLU A 79 -3.79 1.28 -34.38
N SER A 80 -4.72 1.69 -33.49
CA SER A 80 -5.77 0.76 -33.07
C SER A 80 -6.63 0.31 -34.24
N THR A 81 -6.76 1.13 -35.28
CA THR A 81 -7.48 0.67 -36.46
C THR A 81 -6.69 -0.33 -37.30
N ARG A 82 -5.41 -0.54 -36.97
CA ARG A 82 -4.54 -1.40 -37.77
C ARG A 82 -4.23 -2.74 -37.11
N ILE A 83 -4.75 -2.98 -35.91
CA ILE A 83 -4.52 -4.21 -35.15
C ILE A 83 -5.86 -4.75 -34.69
N GLN A 84 -6.05 -6.06 -34.79
CA GLN A 84 -7.27 -6.67 -34.27
C GLN A 84 -7.14 -6.74 -32.76
N LEU A 85 -7.67 -5.72 -32.07
CA LEU A 85 -7.44 -5.65 -30.63
C LEU A 85 -8.22 -6.70 -29.87
N SER A 86 -9.40 -7.11 -30.37
CA SER A 86 -10.10 -8.24 -29.75
C SER A 86 -9.26 -9.50 -29.78
N SER A 87 -8.66 -9.80 -30.94
CA SER A 87 -7.78 -10.98 -31.01
C SER A 87 -6.59 -10.85 -30.07
N LEU A 88 -5.97 -9.68 -30.01
CA LEU A 88 -4.81 -9.50 -29.13
C LEU A 88 -5.19 -9.63 -27.66
N ALA A 89 -6.35 -9.09 -27.27
CA ALA A 89 -6.81 -9.26 -25.89
C ALA A 89 -7.06 -10.73 -25.56
N ASP A 90 -7.60 -11.48 -26.52
CA ASP A 90 -7.79 -12.92 -26.31
C ASP A 90 -6.45 -13.62 -26.15
N LEU A 91 -5.47 -13.26 -26.98
CA LEU A 91 -4.12 -13.82 -26.86
C LEU A 91 -3.52 -13.51 -25.49
N ILE A 92 -3.63 -12.26 -25.05
CA ILE A 92 -3.13 -11.89 -23.74
C ILE A 92 -3.78 -12.75 -22.66
N LEU A 93 -5.08 -13.01 -22.78
CA LEU A 93 -5.76 -13.72 -21.70
C LEU A 93 -5.40 -15.20 -21.67
N GLY A 94 -4.75 -15.72 -22.71
CA GLY A 94 -4.17 -17.04 -22.69
C GLY A 94 -2.67 -17.05 -22.51
N SER A 95 -2.08 -15.93 -22.11
CA SER A 95 -0.64 -15.76 -21.92
C SER A 95 -0.31 -15.43 -20.48
N PRO A 96 0.96 -15.52 -20.08
CA PRO A 96 1.37 -15.03 -18.75
C PRO A 96 1.04 -13.56 -18.59
N THR A 97 0.14 -13.26 -17.65
CA THR A 97 -0.45 -11.93 -17.56
C THR A 97 -0.76 -11.61 -16.11
N THR A 98 -0.41 -10.40 -15.67
CA THR A 98 -0.76 -9.91 -14.34
C THR A 98 -1.54 -8.61 -14.49
N THR A 99 -2.62 -8.49 -13.70
CA THR A 99 -3.40 -7.26 -13.66
C THR A 99 -3.31 -6.67 -12.26
N ILE A 100 -3.62 -5.39 -12.16
CA ILE A 100 -3.76 -4.70 -10.88
C ILE A 100 -5.17 -4.14 -10.80
N LYS A 101 -5.84 -4.38 -9.67
CA LYS A 101 -7.21 -3.94 -9.47
C LYS A 101 -7.30 -3.30 -8.09
N THR A 102 -8.01 -2.18 -8.00
CA THR A 102 -8.27 -1.55 -6.72
C THR A 102 -9.70 -1.79 -6.24
N ASP A 103 -10.56 -2.38 -7.06
CA ASP A 103 -11.97 -2.53 -6.73
C ASP A 103 -12.38 -4.00 -6.63
N GLY A 104 -11.43 -4.87 -6.35
CA GLY A 104 -11.74 -6.27 -6.11
C GLY A 104 -11.49 -7.15 -7.33
N LYS A 105 -11.41 -8.46 -7.07
CA LYS A 105 -11.16 -9.43 -8.14
C LYS A 105 -12.23 -9.40 -9.23
N GLU A 106 -13.44 -8.94 -8.90
CA GLU A 106 -14.53 -8.89 -9.87
C GLU A 106 -14.46 -7.69 -10.78
N SER A 107 -13.63 -6.70 -10.46
CA SER A 107 -13.68 -5.40 -11.12
C SER A 107 -12.74 -5.36 -12.33
N ASP A 108 -12.70 -4.21 -13.01
CA ASP A 108 -11.88 -4.07 -14.21
C ASP A 108 -10.41 -3.92 -13.84
N PRO A 109 -9.50 -4.50 -14.60
CA PRO A 109 -8.08 -4.18 -14.42
C PRO A 109 -7.81 -2.72 -14.77
N TYR A 110 -6.98 -2.07 -13.96
CA TYR A 110 -6.55 -0.71 -14.24
C TYR A 110 -5.12 -0.66 -14.73
N CYS A 111 -4.47 -1.82 -14.80
CA CYS A 111 -3.09 -1.95 -15.23
C CYS A 111 -2.89 -3.42 -15.58
N PHE A 112 -2.10 -3.70 -16.62
CA PHE A 112 -1.72 -5.07 -16.88
C PHE A 112 -0.35 -5.15 -17.51
N LEU A 113 0.26 -6.31 -17.39
CA LEU A 113 1.46 -6.68 -18.11
C LEU A 113 1.26 -8.08 -18.65
N SER A 114 1.63 -8.30 -19.91
CA SER A 114 1.51 -9.62 -20.52
C SER A 114 2.73 -9.87 -21.38
N PHE A 115 3.22 -11.11 -21.35
CA PHE A 115 4.28 -11.60 -22.22
C PHE A 115 3.64 -12.58 -23.20
N VAL A 116 3.43 -12.14 -24.43
CA VAL A 116 2.86 -12.98 -25.47
C VAL A 116 4.00 -13.66 -26.22
N ASP A 117 3.90 -14.98 -26.40
CA ASP A 117 4.98 -15.72 -27.03
C ASP A 117 5.04 -15.48 -28.53
N PHE A 118 6.21 -15.07 -29.03
CA PHE A 118 6.34 -14.78 -30.45
C PHE A 118 6.22 -16.05 -31.29
N LYS A 119 7.05 -17.06 -31.00
CA LYS A 119 7.09 -18.23 -31.88
C LYS A 119 5.75 -18.97 -31.90
N ALA A 120 5.11 -19.11 -30.74
CA ALA A 120 3.83 -19.83 -30.74
C ALA A 120 2.73 -19.05 -31.46
N ASN A 121 2.87 -17.72 -31.57
CA ASN A 121 1.89 -16.86 -32.21
C ASN A 121 2.47 -16.23 -33.48
N HIS A 122 3.30 -16.98 -34.20
CA HIS A 122 4.03 -16.42 -35.33
C HIS A 122 3.14 -16.06 -36.50
N LEU A 123 1.90 -16.57 -36.54
CA LEU A 123 0.96 -16.23 -37.61
C LEU A 123 -0.12 -15.28 -37.14
N SER A 124 -0.02 -14.76 -35.92
CA SER A 124 -1.06 -13.93 -35.36
C SER A 124 -1.16 -12.57 -36.07
N ASP A 125 -2.35 -11.99 -35.99
CA ASP A 125 -2.57 -10.64 -36.49
C ASP A 125 -1.57 -9.64 -35.89
N TYR A 126 -1.26 -9.78 -34.59
CA TYR A 126 -0.36 -8.81 -33.98
C TYR A 126 1.07 -8.97 -34.51
N VAL A 127 1.52 -10.21 -34.69
CA VAL A 127 2.83 -10.40 -35.32
C VAL A 127 2.82 -9.82 -36.72
N LYS A 128 1.74 -10.06 -37.46
CA LYS A 128 1.61 -9.48 -38.80
C LYS A 128 1.80 -7.96 -38.75
N TYR A 129 1.17 -7.31 -37.78
CA TYR A 129 1.32 -5.87 -37.61
C TYR A 129 2.78 -5.48 -37.33
N LEU A 130 3.41 -6.14 -36.35
CA LEU A 130 4.77 -5.77 -35.97
C LEU A 130 5.76 -5.98 -37.10
N GLN A 131 5.56 -7.01 -37.94
CA GLN A 131 6.46 -7.24 -39.06
C GLN A 131 6.49 -6.06 -40.02
N LYS A 132 5.38 -5.32 -40.12
CA LYS A 132 5.25 -4.18 -41.03
C LYS A 132 5.64 -2.85 -40.42
N VAL A 133 5.84 -2.78 -39.10
CA VAL A 133 6.12 -1.48 -38.49
C VAL A 133 7.44 -0.92 -39.01
N ASP A 134 8.46 -1.75 -39.11
CA ASP A 134 9.79 -1.25 -39.45
C ASP A 134 10.69 -2.43 -39.79
N MET A 135 11.59 -2.23 -40.76
CA MET A 135 12.53 -3.28 -41.14
C MET A 135 13.39 -3.75 -39.97
N ARG A 136 13.63 -2.88 -38.99
CA ARG A 136 14.42 -3.31 -37.82
C ARG A 136 13.70 -4.41 -37.05
N LEU A 137 12.37 -4.34 -36.98
CA LEU A 137 11.63 -5.40 -36.30
C LEU A 137 11.62 -6.68 -37.12
N SER A 138 11.26 -6.60 -38.40
CA SER A 138 11.21 -7.81 -39.22
C SER A 138 12.59 -8.45 -39.34
N THR A 139 13.64 -7.63 -39.41
CA THR A 139 14.98 -8.21 -39.49
C THR A 139 15.36 -8.89 -38.19
N PHE A 140 14.98 -8.29 -37.06
CA PHE A 140 15.28 -8.91 -35.78
C PHE A 140 14.60 -10.27 -35.66
N PHE A 141 13.31 -10.32 -36.00
CA PHE A 141 12.57 -11.58 -35.93
C PHE A 141 13.22 -12.65 -36.79
N LYS A 142 13.51 -12.31 -38.05
CA LYS A 142 14.07 -13.29 -38.97
C LYS A 142 15.46 -13.75 -38.52
N THR A 143 16.34 -12.81 -38.19
CA THR A 143 17.75 -13.14 -38.02
C THR A 143 18.10 -13.55 -36.59
N MET A 144 17.42 -13.01 -35.59
CA MET A 144 17.75 -13.36 -34.22
C MET A 144 16.87 -14.46 -33.66
N ILE A 145 15.60 -14.53 -34.08
CA ILE A 145 14.64 -15.42 -33.44
C ILE A 145 14.39 -16.65 -34.31
N ASP A 146 13.95 -16.44 -35.55
CA ASP A 146 13.64 -17.58 -36.42
C ASP A 146 14.90 -18.37 -36.73
N SER A 147 16.06 -17.72 -36.65
CA SER A 147 17.34 -18.30 -37.03
C SER A 147 17.69 -19.55 -36.22
N GLY A 148 17.33 -19.57 -34.93
CA GLY A 148 17.79 -20.62 -34.02
C GLY A 148 16.87 -20.85 -32.87
N ASN A 149 17.45 -21.00 -31.68
CA ASN A 149 16.72 -21.46 -30.50
C ASN A 149 16.29 -20.33 -29.58
N LYS A 150 16.56 -19.07 -29.91
CA LYS A 150 16.26 -17.99 -28.98
C LYS A 150 14.78 -17.63 -29.03
N ASN A 151 14.25 -17.24 -27.86
CA ASN A 151 12.84 -17.01 -27.63
C ASN A 151 12.58 -15.52 -27.43
N CYS A 152 11.46 -15.05 -27.96
CA CYS A 152 11.12 -13.63 -27.92
C CYS A 152 9.72 -13.47 -27.33
N ALA A 153 9.58 -12.55 -26.37
CA ALA A 153 8.28 -12.20 -25.82
C ALA A 153 7.84 -10.86 -26.39
N LEU A 154 6.56 -10.78 -26.75
CA LEU A 154 5.92 -9.53 -27.14
C LEU A 154 5.30 -8.95 -25.88
N VAL A 155 5.82 -7.84 -25.42
CA VAL A 155 5.41 -7.26 -24.14
C VAL A 155 4.24 -6.32 -24.42
N LEU A 156 3.13 -6.54 -23.73
CA LEU A 156 2.00 -5.62 -23.74
C LEU A 156 1.84 -5.10 -22.32
N SER A 157 2.03 -3.79 -22.15
CA SER A 157 2.00 -3.18 -20.83
C SER A 157 1.27 -1.85 -20.92
N GLU A 158 0.17 -1.69 -20.17
CA GLU A 158 -0.52 -0.40 -20.16
C GLU A 158 -1.31 -0.25 -18.86
N ARG A 159 -1.59 0.99 -18.51
CA ARG A 159 -2.28 1.30 -17.27
C ARG A 159 -2.94 2.66 -17.42
N LEU A 160 -4.05 2.86 -16.70
CA LEU A 160 -4.66 4.18 -16.65
C LEU A 160 -3.64 5.19 -16.14
N ILE A 161 -3.73 6.42 -16.64
CA ILE A 161 -2.66 7.37 -16.39
C ILE A 161 -2.61 7.80 -14.93
N ASN A 162 -3.66 7.56 -14.16
CA ASN A 162 -3.64 7.87 -12.73
C ASN A 162 -3.07 6.75 -11.88
N MET A 163 -2.64 5.64 -12.48
CA MET A 163 -2.03 4.58 -11.67
C MET A 163 -0.61 4.97 -11.28
N PRO A 164 -0.20 4.72 -10.06
CA PRO A 164 1.14 5.11 -9.62
C PRO A 164 2.21 4.29 -10.31
N PRO A 165 3.34 4.91 -10.68
CA PRO A 165 4.38 4.17 -11.40
C PRO A 165 5.12 3.16 -10.54
N GLU A 166 5.00 3.25 -9.21
CA GLU A 166 5.73 2.33 -8.33
C GLU A 166 5.18 0.91 -8.38
N VAL A 167 4.03 0.67 -9.02
CA VAL A 167 3.55 -0.70 -9.15
C VAL A 167 4.32 -1.49 -10.20
N VAL A 168 5.16 -0.83 -10.99
CA VAL A 168 5.74 -1.48 -12.15
C VAL A 168 6.76 -2.55 -11.75
N PRO A 169 7.69 -2.31 -10.83
CA PRO A 169 8.63 -3.39 -10.45
C PRO A 169 7.92 -4.64 -9.94
N PRO A 170 6.98 -4.56 -8.98
CA PRO A 170 6.28 -5.81 -8.60
C PRO A 170 5.50 -6.43 -9.75
N LEU A 171 4.95 -5.60 -10.63
CA LEU A 171 4.22 -6.13 -11.78
C LEU A 171 5.12 -6.99 -12.65
N TYR A 172 6.32 -6.49 -12.98
CA TYR A 172 7.26 -7.23 -13.81
C TYR A 172 7.79 -8.46 -13.09
N LYS A 173 8.14 -8.33 -11.80
CA LYS A 173 8.67 -9.48 -11.08
C LYS A 173 7.68 -10.64 -11.04
N ILE A 174 6.41 -10.36 -10.78
CA ILE A 174 5.41 -11.42 -10.73
C ILE A 174 5.23 -12.07 -12.10
N THR A 175 5.14 -11.25 -13.15
CA THR A 175 4.89 -11.81 -14.48
C THR A 175 6.12 -12.55 -15.00
N LEU A 176 7.33 -12.08 -14.68
CA LEU A 176 8.52 -12.83 -15.07
C LEU A 176 8.57 -14.18 -14.34
N GLU A 177 8.12 -14.20 -13.08
CA GLU A 177 8.05 -15.47 -12.36
C GLU A 177 7.06 -16.43 -13.00
N ASP A 178 5.92 -15.90 -13.49
CA ASP A 178 4.96 -16.74 -14.20
C ASP A 178 5.64 -17.52 -15.31
N VAL A 179 6.50 -16.84 -16.08
CA VAL A 179 7.21 -17.48 -17.18
C VAL A 179 8.23 -18.48 -16.65
N ALA A 180 9.10 -18.03 -15.74
CA ALA A 180 10.18 -18.87 -15.26
C ALA A 180 9.66 -20.13 -14.60
N THR A 181 8.57 -19.99 -13.82
CA THR A 181 8.04 -21.15 -13.12
C THR A 181 7.42 -22.15 -14.09
N ALA A 182 6.69 -21.65 -15.09
CA ALA A 182 6.09 -22.54 -16.07
C ALA A 182 7.15 -23.19 -16.97
N LEU A 183 8.20 -22.44 -17.32
CA LEU A 183 9.25 -23.04 -18.14
C LEU A 183 10.11 -24.01 -17.35
N GLY A 184 10.24 -23.78 -16.05
CA GLY A 184 11.08 -24.58 -15.21
C GLY A 184 12.55 -24.26 -15.40
N ASP A 185 13.38 -24.77 -14.48
CA ASP A 185 14.83 -24.67 -14.58
C ASP A 185 15.30 -23.22 -14.62
N ASP A 186 14.52 -22.32 -14.04
CA ASP A 186 14.81 -20.88 -13.99
C ASP A 186 15.02 -20.28 -15.39
N LYS A 187 14.39 -20.86 -16.40
CA LYS A 187 14.47 -20.36 -17.76
C LYS A 187 13.68 -19.05 -17.90
N HIS A 188 13.90 -18.36 -19.01
CA HIS A 188 13.26 -17.07 -19.26
C HIS A 188 13.38 -16.76 -20.75
N TYR A 189 12.60 -15.76 -21.18
CA TYR A 189 12.74 -15.25 -22.54
C TYR A 189 14.13 -14.65 -22.76
N ASP A 190 14.62 -14.77 -23.98
CA ASP A 190 15.89 -14.13 -24.32
C ASP A 190 15.70 -12.66 -24.67
N PHE A 191 14.60 -12.32 -25.34
CA PHE A 191 14.37 -10.98 -25.84
C PHE A 191 12.93 -10.57 -25.62
N TYR A 192 12.72 -9.25 -25.59
CA TYR A 192 11.43 -8.65 -25.30
C TYR A 192 11.19 -7.52 -26.28
N ILE A 193 10.03 -7.52 -26.94
CA ILE A 193 9.63 -6.44 -27.84
C ILE A 193 8.62 -5.58 -27.09
N ILE A 194 8.98 -4.34 -26.78
CA ILE A 194 8.13 -3.45 -25.98
C ILE A 194 7.63 -2.33 -26.88
N VAL A 195 6.30 -2.19 -27.01
CA VAL A 195 5.68 -1.04 -27.64
C VAL A 195 5.20 -0.11 -26.54
N THR A 196 5.45 1.18 -26.70
CA THR A 196 5.02 2.12 -25.69
C THR A 196 4.69 3.45 -26.37
N ARG A 197 4.42 4.46 -25.56
CA ARG A 197 3.98 5.75 -26.05
C ARG A 197 4.61 6.86 -25.21
N LYS A 198 5.01 7.93 -25.88
CA LYS A 198 5.60 9.12 -25.28
C LYS A 198 4.86 10.33 -25.82
N TYR A 199 5.15 11.51 -25.27
CA TYR A 199 4.39 12.68 -25.72
C TYR A 199 5.27 13.93 -25.74
N GLU A 200 4.91 14.85 -26.63
CA GLU A 200 5.53 16.18 -26.66
C GLU A 200 4.84 17.08 -25.66
N VAL A 201 5.63 17.75 -24.82
CA VAL A 201 5.04 18.51 -23.72
C VAL A 201 4.39 19.80 -24.22
N ASN A 202 4.91 20.39 -25.29
CA ASN A 202 4.24 21.54 -25.91
C ASN A 202 3.73 21.16 -27.30
N GLU A 230 10.32 19.33 -26.17
CA GLU A 230 10.55 18.39 -25.08
C GLU A 230 9.59 17.20 -25.16
N VAL A 231 10.11 16.01 -24.87
CA VAL A 231 9.34 14.76 -24.89
C VAL A 231 9.40 14.15 -23.50
N ASP A 232 8.25 13.71 -22.99
CA ASP A 232 8.18 13.04 -21.71
C ASP A 232 7.49 11.68 -21.86
N TYR A 233 7.46 10.92 -20.77
CA TYR A 233 7.10 9.51 -20.80
C TYR A 233 5.78 9.29 -20.09
N PHE A 234 4.85 8.58 -20.75
CA PHE A 234 3.70 8.07 -20.03
C PHE A 234 4.11 6.99 -19.05
N HIS A 235 5.09 6.18 -19.42
CA HIS A 235 5.59 5.09 -18.59
C HIS A 235 7.02 5.44 -18.24
N GLU A 236 7.25 5.89 -17.00
CA GLU A 236 8.59 6.34 -16.62
C GLU A 236 9.62 5.22 -16.72
N GLU A 237 9.20 3.96 -16.61
CA GLU A 237 10.16 2.85 -16.74
C GLU A 237 10.79 2.80 -18.12
N ASP A 238 10.15 3.40 -19.13
CA ASP A 238 10.72 3.39 -20.47
C ASP A 238 12.04 4.14 -20.53
N ARG A 239 12.26 5.11 -19.64
CA ARG A 239 13.57 5.76 -19.55
C ARG A 239 14.68 4.74 -19.35
N PHE A 240 14.44 3.76 -18.48
CA PHE A 240 15.44 2.74 -18.21
C PHE A 240 15.50 1.70 -19.34
N PHE A 241 14.33 1.26 -19.84
CA PHE A 241 14.34 0.35 -20.98
C PHE A 241 15.15 0.92 -22.14
N GLU A 242 15.01 2.22 -22.41
CA GLU A 242 15.76 2.84 -23.51
C GLU A 242 17.26 2.79 -23.26
N LYS A 243 17.67 2.91 -22.00
CA LYS A 243 19.09 2.89 -21.66
C LYS A 243 19.72 1.56 -22.03
N TYR A 244 18.96 0.47 -21.94
CA TYR A 244 19.48 -0.86 -22.14
C TYR A 244 19.02 -1.51 -23.44
N ALA A 245 18.18 -0.83 -24.21
CA ALA A 245 17.61 -1.44 -25.41
C ALA A 245 18.68 -1.81 -26.42
N LYS A 246 18.53 -3.00 -27.03
CA LYS A 246 19.39 -3.36 -28.15
C LYS A 246 19.02 -2.59 -29.40
N ILE A 247 17.73 -2.28 -29.56
CA ILE A 247 17.20 -1.51 -30.67
C ILE A 247 16.10 -0.62 -30.13
N HIS A 248 16.11 0.65 -30.54
CA HIS A 248 15.06 1.60 -30.16
C HIS A 248 14.76 2.50 -31.35
N PHE A 249 13.49 2.68 -31.68
CA PHE A 249 13.12 3.63 -32.71
C PHE A 249 11.72 4.15 -32.43
N GLU A 250 11.39 5.29 -33.02
CA GLU A 250 10.13 5.96 -32.70
C GLU A 250 9.51 6.49 -33.98
N SER A 251 8.19 6.52 -33.99
CA SER A 251 7.47 7.15 -35.09
C SER A 251 7.38 8.65 -34.88
N GLU A 252 7.06 9.36 -35.96
CA GLU A 252 6.78 10.77 -35.85
C GLU A 252 5.57 10.98 -34.94
N ALA A 253 5.58 12.09 -34.22
CA ALA A 253 4.47 12.41 -33.32
C ALA A 253 3.20 12.65 -34.11
N LYS A 254 2.08 12.19 -33.57
CA LYS A 254 0.76 12.43 -34.13
C LYS A 254 -0.15 12.85 -33.00
N LYS A 255 -0.74 14.05 -33.12
CA LYS A 255 -1.51 14.63 -32.01
C LYS A 255 -0.67 14.74 -30.76
N GLY A 256 0.64 14.96 -30.92
CA GLY A 256 1.54 15.09 -29.79
C GLY A 256 1.98 13.79 -29.15
N VAL A 257 1.59 12.63 -29.69
CA VAL A 257 1.88 11.34 -29.09
C VAL A 257 2.81 10.57 -30.02
N ILE A 258 3.86 9.95 -29.45
CA ILE A 258 4.90 9.26 -30.19
C ILE A 258 4.80 7.76 -29.89
N SER A 259 4.71 6.94 -30.93
CA SER A 259 4.80 5.50 -30.78
C SER A 259 6.27 5.09 -30.71
N SER A 260 6.64 4.34 -29.67
CA SER A 260 8.03 3.98 -29.47
C SER A 260 8.20 2.47 -29.32
N TYR A 261 9.26 1.93 -29.94
CA TYR A 261 9.48 0.50 -30.04
C TYR A 261 10.87 0.19 -29.48
N MET A 262 10.95 -0.79 -28.59
CA MET A 262 12.21 -1.18 -27.98
C MET A 262 12.37 -2.69 -28.01
N ILE A 263 13.57 -3.14 -28.36
CA ILE A 263 13.96 -4.55 -28.23
C ILE A 263 15.01 -4.62 -27.13
N LEU A 264 14.74 -5.42 -26.11
CA LEU A 264 15.61 -5.58 -24.95
C LEU A 264 15.98 -7.05 -24.80
N ASP A 265 17.20 -7.32 -24.34
CA ASP A 265 17.45 -8.69 -23.91
C ASP A 265 17.11 -8.83 -22.43
N HIS A 266 17.14 -10.08 -21.95
CA HIS A 266 16.69 -10.32 -20.58
C HIS A 266 17.60 -9.63 -19.57
N GLU A 267 18.91 -9.64 -19.82
CA GLU A 267 19.82 -8.93 -18.91
C GLU A 267 19.42 -7.47 -18.79
N GLY A 268 19.13 -6.83 -19.92
CA GLY A 268 18.77 -5.42 -19.89
C GLY A 268 17.45 -5.16 -19.21
N LEU A 269 16.47 -6.06 -19.40
CA LEU A 269 15.19 -5.91 -18.72
C LEU A 269 15.35 -6.00 -17.21
N VAL A 270 16.13 -6.97 -16.74
CA VAL A 270 16.34 -7.13 -15.30
C VAL A 270 17.07 -5.93 -14.72
N LYS A 271 18.11 -5.45 -15.41
CA LYS A 271 18.81 -4.25 -14.97
C LYS A 271 17.87 -3.06 -14.89
N SER A 272 16.99 -2.92 -15.87
CA SER A 272 16.05 -1.81 -15.86
C SER A 272 15.13 -1.87 -14.65
N ILE A 273 14.61 -3.05 -14.34
CA ILE A 273 13.68 -3.16 -13.21
C ILE A 273 14.42 -2.92 -11.90
N ASP A 274 15.66 -3.41 -11.79
CA ASP A 274 16.44 -3.15 -10.58
C ASP A 274 16.65 -1.66 -10.37
N GLU A 275 16.98 -0.94 -11.45
CA GLU A 275 17.24 0.49 -11.32
C GLU A 275 15.97 1.29 -11.06
N LEU A 276 14.82 0.72 -11.40
CA LEU A 276 13.52 1.35 -11.17
C LEU A 276 13.06 1.25 -9.72
N GLU A 277 13.67 0.39 -8.92
CA GLU A 277 13.16 0.11 -7.58
C GLU A 277 13.27 1.33 -6.67
N THR A 278 12.21 1.55 -5.90
CA THR A 278 12.11 2.62 -4.93
C THR A 278 11.74 2.02 -3.58
N GLU A 279 11.72 2.85 -2.54
CA GLU A 279 11.25 2.35 -1.26
C GLU A 279 9.82 1.86 -1.36
N ILE A 280 8.98 2.55 -2.13
CA ILE A 280 7.58 2.14 -2.24
C ILE A 280 7.44 0.86 -3.06
N SER A 281 8.16 0.76 -4.20
CA SER A 281 7.98 -0.45 -5.00
C SER A 281 8.52 -1.69 -4.27
N THR A 282 9.56 -1.52 -3.47
CA THR A 282 10.04 -2.63 -2.65
C THR A 282 9.03 -3.03 -1.60
N TRP A 283 8.41 -2.03 -0.95
CA TRP A 283 7.30 -2.29 -0.04
C TRP A 283 6.20 -3.08 -0.73
N LEU A 284 5.84 -2.68 -1.96
CA LEU A 284 4.78 -3.39 -2.66
C LEU A 284 5.19 -4.82 -2.96
N GLU A 285 6.45 -5.03 -3.36
CA GLU A 285 6.91 -6.40 -3.63
C GLU A 285 6.84 -7.25 -2.36
N HIS A 286 7.13 -6.66 -1.20
CA HIS A 286 7.05 -7.43 0.04
C HIS A 286 5.62 -7.79 0.42
N HIS A 287 4.63 -7.09 -0.12
CA HIS A 287 3.24 -7.36 0.23
C HIS A 287 2.41 -7.88 -0.93
N HIS A 288 2.99 -8.02 -2.11
CA HIS A 288 2.26 -8.48 -3.30
C HIS A 288 3.22 -9.38 -4.06
N HIS A 289 3.03 -10.69 -3.93
CA HIS A 289 4.04 -11.62 -4.43
C HIS A 289 3.42 -13.02 -4.52
N HIS A 290 4.04 -13.86 -5.33
CA HIS A 290 3.63 -15.26 -5.39
C HIS A 290 3.90 -15.95 -4.05
N HIS A 291 3.22 -17.07 -3.84
CA HIS A 291 3.43 -17.88 -2.64
C HIS A 291 4.80 -18.55 -2.68
N GLU B 37 -24.06 -16.36 -7.61
CA GLU B 37 -22.85 -16.60 -6.82
C GLU B 37 -21.61 -16.06 -7.53
N ASN B 38 -20.56 -15.82 -6.76
CA ASN B 38 -19.38 -15.09 -7.23
C ASN B 38 -18.50 -16.02 -8.04
N GLU B 39 -18.50 -15.85 -9.37
CA GLU B 39 -17.70 -16.70 -10.24
C GLU B 39 -16.21 -16.39 -10.17
N GLU B 40 -15.80 -15.36 -9.47
CA GLU B 40 -14.38 -15.10 -9.30
C GLU B 40 -13.84 -15.73 -8.01
N GLU B 41 -14.71 -16.29 -7.18
CA GLU B 41 -14.28 -17.05 -6.04
C GLU B 41 -13.93 -18.47 -6.48
N GLN B 42 -12.92 -19.05 -5.84
CA GLN B 42 -12.39 -20.36 -6.22
C GLN B 42 -12.11 -20.40 -7.71
N ASN B 43 -11.35 -19.42 -8.16
CA ASN B 43 -11.00 -19.29 -9.57
C ASN B 43 -9.67 -18.55 -9.70
N GLY B 44 -8.64 -19.03 -8.99
CA GLY B 44 -7.29 -18.51 -9.14
C GLY B 44 -7.02 -17.16 -8.50
N GLU B 45 -7.92 -16.67 -7.65
CA GLU B 45 -7.80 -15.33 -7.11
C GLU B 45 -6.78 -15.22 -5.98
N GLU B 46 -6.21 -16.34 -5.52
CA GLU B 46 -5.20 -16.33 -4.47
C GLU B 46 -3.82 -16.75 -4.98
N GLU B 47 -3.61 -16.74 -6.31
CA GLU B 47 -2.29 -17.05 -6.83
C GLU B 47 -1.23 -16.07 -6.31
N ILE B 48 -1.63 -14.83 -6.06
CA ILE B 48 -0.73 -13.80 -5.59
C ILE B 48 -1.18 -13.37 -4.20
N VAL B 49 -0.24 -13.42 -3.24
CA VAL B 49 -0.47 -12.86 -1.91
C VAL B 49 -0.62 -11.35 -2.03
N ASN B 50 -1.66 -10.80 -1.40
CA ASN B 50 -1.93 -9.36 -1.45
C ASN B 50 -2.22 -8.94 -0.01
N ILE B 51 -1.21 -8.41 0.67
CA ILE B 51 -1.38 -7.94 2.05
C ILE B 51 -1.62 -6.45 2.02
N ASP B 52 -2.80 -6.03 2.45
CA ASP B 52 -3.18 -4.62 2.43
C ASP B 52 -3.51 -4.17 3.84
N PHE B 53 -3.20 -2.92 4.14
CA PHE B 53 -3.44 -2.36 5.46
C PHE B 53 -4.62 -1.39 5.34
N ASP B 54 -5.80 -1.88 5.68
CA ASP B 54 -7.02 -1.09 5.58
C ASP B 54 -7.37 -0.51 6.93
N PHE B 55 -7.79 0.75 6.93
CA PHE B 55 -8.07 1.52 8.12
C PHE B 55 -9.58 1.64 8.31
N PHE B 56 -10.05 1.45 9.54
CA PHE B 56 -11.47 1.48 9.87
C PHE B 56 -11.68 2.28 11.14
N GLY B 57 -12.89 2.81 11.30
CA GLY B 57 -13.30 3.31 12.59
C GLY B 57 -13.51 2.17 13.58
N GLY B 58 -13.35 2.49 14.87
CA GLY B 58 -13.60 1.52 15.92
C GLY B 58 -14.98 0.91 15.78
N ASN B 59 -15.07 -0.41 15.91
CA ASN B 59 -16.32 -1.12 15.68
C ASN B 59 -16.73 -1.86 16.94
N PRO B 60 -17.74 -1.38 17.67
CA PRO B 60 -18.08 -2.00 18.97
C PRO B 60 -18.56 -3.44 18.84
N GLU B 61 -19.06 -3.84 17.67
CA GLU B 61 -19.59 -5.19 17.49
C GLU B 61 -18.50 -6.22 17.20
N VAL B 62 -17.31 -5.77 16.80
CA VAL B 62 -16.27 -6.67 16.32
C VAL B 62 -14.99 -6.57 17.15
N ASP B 63 -14.64 -5.37 17.60
CA ASP B 63 -13.27 -5.07 17.99
C ASP B 63 -12.95 -5.30 19.47
N PHE B 64 -13.96 -5.57 20.31
CA PHE B 64 -13.74 -5.51 21.76
C PHE B 64 -12.68 -6.49 22.23
N HIS B 65 -12.80 -7.76 21.86
CA HIS B 65 -11.89 -8.78 22.37
C HIS B 65 -10.44 -8.48 22.00
N ALA B 66 -10.21 -8.13 20.73
CA ALA B 66 -8.85 -7.84 20.28
C ALA B 66 -8.31 -6.57 20.91
N LEU B 67 -9.16 -5.54 21.07
CA LEU B 67 -8.69 -4.31 21.72
C LEU B 67 -8.27 -4.59 23.16
N LYS B 68 -9.05 -5.38 23.88
CA LYS B 68 -8.71 -5.68 25.27
C LYS B 68 -7.37 -6.39 25.36
N ASN B 69 -7.11 -7.32 24.45
CA ASN B 69 -5.83 -8.00 24.45
C ASN B 69 -4.68 -7.10 24.03
N LEU B 70 -4.92 -6.17 23.11
CA LEU B 70 -3.88 -5.19 22.78
C LEU B 70 -3.61 -4.28 23.99
N LEU B 71 -4.65 -3.95 24.76
CA LEU B 71 -4.43 -3.20 25.99
C LEU B 71 -3.57 -3.99 26.98
N ARG B 72 -3.83 -5.30 27.09
CA ARG B 72 -3.00 -6.12 27.98
C ARG B 72 -1.54 -6.08 27.56
N GLN B 73 -1.30 -6.12 26.25
CA GLN B 73 0.08 -6.04 25.74
C GLN B 73 0.70 -4.69 26.08
N LEU B 74 -0.08 -3.62 25.89
CA LEU B 74 0.41 -2.27 26.15
C LEU B 74 0.82 -2.10 27.62
N PHE B 75 -0.06 -2.46 28.55
CA PHE B 75 0.21 -2.18 29.96
C PHE B 75 1.07 -3.24 30.62
N GLY B 76 1.11 -4.45 30.07
CA GLY B 76 1.93 -5.50 30.63
C GLY B 76 1.18 -6.28 31.69
N PRO B 77 1.75 -7.40 32.12
CA PRO B 77 0.98 -8.31 32.99
C PRO B 77 0.76 -7.79 34.40
N GLN B 78 1.63 -6.91 34.90
CA GLN B 78 1.41 -6.37 36.24
C GLN B 78 0.41 -5.22 36.22
N GLU B 79 0.65 -4.21 35.38
CA GLU B 79 -0.25 -3.06 35.38
C GLU B 79 -1.65 -3.44 34.88
N SER B 80 -1.77 -4.47 34.03
CA SER B 80 -3.10 -4.90 33.58
C SER B 80 -3.97 -5.34 34.75
N THR B 81 -3.38 -5.80 35.85
CA THR B 81 -4.19 -6.12 37.03
C THR B 81 -4.67 -4.88 37.78
N ARG B 82 -4.21 -3.69 37.41
CA ARG B 82 -4.53 -2.47 38.13
C ARG B 82 -5.46 -1.56 37.36
N ILE B 83 -5.87 -1.97 36.17
CA ILE B 83 -6.75 -1.20 35.29
C ILE B 83 -7.90 -2.10 34.87
N GLN B 84 -9.12 -1.58 34.94
CA GLN B 84 -10.25 -2.31 34.38
C GLN B 84 -10.22 -2.22 32.85
N LEU B 85 -9.60 -3.20 32.20
CA LEU B 85 -9.37 -3.10 30.76
C LEU B 85 -10.65 -3.28 29.96
N SER B 86 -11.61 -4.08 30.47
CA SER B 86 -12.93 -4.12 29.84
C SER B 86 -13.56 -2.74 29.81
N SER B 87 -13.53 -2.03 30.93
CA SER B 87 -14.08 -0.67 30.93
C SER B 87 -13.33 0.24 29.97
N LEU B 88 -12.00 0.13 29.93
CA LEU B 88 -11.22 0.99 29.05
C LEU B 88 -11.51 0.67 27.58
N ALA B 89 -11.61 -0.60 27.23
CA ALA B 89 -11.94 -0.94 25.84
C ALA B 89 -13.32 -0.40 25.45
N ASP B 90 -14.27 -0.44 26.38
CA ASP B 90 -15.58 0.16 26.14
C ASP B 90 -15.47 1.65 25.91
N LEU B 91 -14.65 2.34 26.71
CA LEU B 91 -14.45 3.77 26.49
C LEU B 91 -13.85 4.04 25.12
N ILE B 92 -12.83 3.24 24.74
CA ILE B 92 -12.19 3.39 23.43
C ILE B 92 -13.22 3.26 22.31
N LEU B 93 -14.12 2.29 22.44
CA LEU B 93 -15.07 2.05 21.37
C LEU B 93 -16.13 3.15 21.28
N GLY B 94 -16.28 3.98 22.30
CA GLY B 94 -17.10 5.17 22.21
C GLY B 94 -16.32 6.45 21.96
N SER B 95 -15.04 6.35 21.61
CA SER B 95 -14.17 7.49 21.37
C SER B 95 -13.65 7.52 19.93
N PRO B 96 -13.08 8.64 19.48
CA PRO B 96 -12.38 8.65 18.18
C PRO B 96 -11.27 7.60 18.16
N THR B 97 -11.43 6.62 17.26
CA THR B 97 -10.60 5.42 17.26
C THR B 97 -10.45 4.94 15.83
N THR B 98 -9.22 4.63 15.44
CA THR B 98 -8.94 4.03 14.14
C THR B 98 -8.24 2.71 14.35
N THR B 99 -8.65 1.69 13.60
CA THR B 99 -8.01 0.39 13.62
C THR B 99 -7.41 0.10 12.26
N ILE B 100 -6.49 -0.86 12.23
CA ILE B 100 -5.92 -1.37 10.98
C ILE B 100 -6.17 -2.86 10.94
N LYS B 101 -6.71 -3.34 9.83
CA LYS B 101 -7.00 -4.75 9.64
C LYS B 101 -6.45 -5.17 8.30
N THR B 102 -5.84 -6.36 8.24
CA THR B 102 -5.41 -6.92 6.97
C THR B 102 -6.35 -8.01 6.47
N ASP B 103 -7.27 -8.48 7.31
CA ASP B 103 -8.12 -9.61 6.97
C ASP B 103 -9.59 -9.22 6.83
N GLY B 104 -9.86 -7.96 6.55
CA GLY B 104 -11.21 -7.49 6.24
C GLY B 104 -11.90 -6.85 7.44
N LYS B 105 -13.01 -6.17 7.14
CA LYS B 105 -13.72 -5.42 8.16
C LYS B 105 -14.26 -6.32 9.27
N GLU B 106 -14.52 -7.60 8.98
CA GLU B 106 -15.05 -8.52 9.98
C GLU B 106 -13.99 -9.06 10.92
N SER B 107 -12.70 -8.91 10.57
CA SER B 107 -11.61 -9.55 11.30
C SER B 107 -11.15 -8.69 12.48
N ASP B 108 -10.19 -9.21 13.24
CA ASP B 108 -9.68 -8.52 14.43
C ASP B 108 -8.77 -7.35 14.03
N PRO B 109 -8.82 -6.24 14.75
CA PRO B 109 -7.79 -5.21 14.57
C PRO B 109 -6.44 -5.71 15.02
N TYR B 110 -5.41 -5.40 14.24
CA TYR B 110 -4.02 -5.69 14.59
C TYR B 110 -3.27 -4.46 15.04
N CYS B 111 -3.95 -3.32 15.09
CA CYS B 111 -3.40 -2.02 15.43
C CYS B 111 -4.57 -1.10 15.72
N PHE B 112 -4.45 -0.27 16.74
CA PHE B 112 -5.44 0.78 16.94
C PHE B 112 -4.80 2.00 17.57
N LEU B 113 -5.48 3.13 17.38
CA LEU B 113 -5.18 4.37 18.08
C LEU B 113 -6.50 4.96 18.53
N SER B 114 -6.57 5.41 19.77
CA SER B 114 -7.76 6.04 20.32
C SER B 114 -7.38 7.26 21.13
N PHE B 115 -8.19 8.32 21.00
CA PHE B 115 -8.09 9.52 21.84
C PHE B 115 -9.29 9.53 22.78
N VAL B 116 -9.09 9.14 24.04
CA VAL B 116 -10.17 9.15 25.02
C VAL B 116 -10.19 10.52 25.69
N ASP B 117 -11.37 11.13 25.77
CA ASP B 117 -11.46 12.49 26.30
C ASP B 117 -11.27 12.48 27.81
N PHE B 118 -10.35 13.31 28.29
CA PHE B 118 -10.10 13.33 29.74
C PHE B 118 -11.30 13.90 30.48
N LYS B 119 -11.75 15.10 30.09
CA LYS B 119 -12.75 15.77 30.90
C LYS B 119 -14.05 14.99 30.96
N ALA B 120 -14.49 14.44 29.82
CA ALA B 120 -15.74 13.68 29.80
C ALA B 120 -15.63 12.42 30.63
N ASN B 121 -14.43 11.88 30.78
CA ASN B 121 -14.17 10.65 31.52
C ASN B 121 -13.36 10.91 32.79
N HIS B 122 -13.57 12.07 33.43
CA HIS B 122 -12.66 12.49 34.49
C HIS B 122 -12.84 11.70 35.79
N LEU B 123 -13.88 10.86 35.88
CA LEU B 123 -14.10 9.98 37.02
C LEU B 123 -13.87 8.52 36.66
N SER B 124 -13.32 8.26 35.47
CA SER B 124 -13.20 6.90 34.96
C SER B 124 -12.14 6.12 35.73
N ASP B 125 -12.26 4.79 35.67
CA ASP B 125 -11.26 3.91 36.25
C ASP B 125 -9.87 4.20 35.71
N TYR B 126 -9.76 4.52 34.41
CA TYR B 126 -8.45 4.76 33.83
C TYR B 126 -7.84 6.06 34.34
N VAL B 127 -8.65 7.11 34.51
CA VAL B 127 -8.11 8.35 35.08
C VAL B 127 -7.66 8.12 36.52
N LYS B 128 -8.47 7.38 37.28
CA LYS B 128 -8.09 7.01 38.64
C LYS B 128 -6.74 6.31 38.66
N TYR B 129 -6.51 5.39 37.72
CA TYR B 129 -5.23 4.71 37.60
C TYR B 129 -4.10 5.70 37.31
N LEU B 130 -4.30 6.58 36.33
CA LEU B 130 -3.23 7.49 35.95
C LEU B 130 -2.90 8.46 37.06
N GLN B 131 -3.88 8.83 37.88
CA GLN B 131 -3.64 9.74 38.98
C GLN B 131 -2.69 9.14 40.02
N LYS B 132 -2.66 7.82 40.13
CA LYS B 132 -1.80 7.17 41.12
C LYS B 132 -0.51 6.65 40.53
N VAL B 133 -0.30 6.79 39.23
CA VAL B 133 0.93 6.28 38.61
C VAL B 133 2.13 7.01 39.17
N ASP B 134 2.06 8.34 39.24
CA ASP B 134 3.21 9.15 39.57
C ASP B 134 2.73 10.56 39.89
N MET B 135 3.39 11.19 40.86
CA MET B 135 3.05 12.57 41.22
C MET B 135 3.16 13.50 40.02
N ARG B 136 4.02 13.16 39.05
CA ARG B 136 4.19 14.04 37.90
C ARG B 136 2.95 14.06 37.00
N LEU B 137 2.20 12.95 36.95
CA LEU B 137 0.95 12.99 36.18
C LEU B 137 -0.14 13.69 36.97
N SER B 138 -0.20 13.43 38.29
CA SER B 138 -1.21 14.07 39.13
C SER B 138 -1.06 15.59 39.12
N THR B 139 0.18 16.07 39.18
CA THR B 139 0.41 17.51 39.14
C THR B 139 -0.05 18.11 37.82
N PHE B 140 0.24 17.43 36.70
CA PHE B 140 -0.24 17.91 35.41
C PHE B 140 -1.75 17.97 35.37
N PHE B 141 -2.42 16.90 35.82
CA PHE B 141 -3.90 16.91 35.86
C PHE B 141 -4.41 18.12 36.65
N LYS B 142 -3.84 18.35 37.83
CA LYS B 142 -4.29 19.47 38.66
C LYS B 142 -4.15 20.80 37.92
N THR B 143 -2.98 21.05 37.33
CA THR B 143 -2.77 22.29 36.57
C THR B 143 -3.82 22.45 35.48
N MET B 144 -4.17 21.33 34.84
CA MET B 144 -5.17 21.32 33.77
C MET B 144 -6.58 21.56 34.29
N ILE B 145 -6.97 20.83 35.34
CA ILE B 145 -8.29 21.00 35.93
C ILE B 145 -8.46 22.44 36.40
N ASP B 146 -7.43 22.99 37.05
CA ASP B 146 -7.49 24.35 37.58
C ASP B 146 -7.50 25.41 36.49
N SER B 147 -6.82 25.14 35.37
CA SER B 147 -6.87 26.07 34.24
C SER B 147 -8.31 26.26 33.76
N GLY B 148 -9.06 25.17 33.64
CA GLY B 148 -10.45 25.20 33.24
C GLY B 148 -10.71 25.33 31.76
N ASN B 149 -9.70 25.65 30.96
CA ASN B 149 -9.91 25.94 29.54
C ASN B 149 -9.08 25.06 28.61
N LYS B 150 -8.36 24.07 29.14
CA LYS B 150 -7.54 23.20 28.30
C LYS B 150 -8.14 21.81 28.22
N ASN B 151 -7.94 21.17 27.07
CA ASN B 151 -8.51 19.86 26.76
C ASN B 151 -7.40 18.85 26.56
N CYS B 152 -7.59 17.65 27.12
CA CYS B 152 -6.53 16.65 27.12
C CYS B 152 -7.08 15.33 26.63
N ALA B 153 -6.35 14.68 25.72
CA ALA B 153 -6.70 13.35 25.23
C ALA B 153 -5.86 12.30 25.95
N LEU B 154 -6.51 11.21 26.36
CA LEU B 154 -5.77 10.05 26.85
C LEU B 154 -5.52 9.14 25.65
N VAL B 155 -4.27 9.01 25.25
CA VAL B 155 -3.92 8.30 24.02
C VAL B 155 -3.69 6.83 24.33
N LEU B 156 -4.41 5.95 23.65
CA LEU B 156 -4.20 4.52 23.75
C LEU B 156 -3.81 4.01 22.38
N SER B 157 -2.60 3.47 22.27
CA SER B 157 -2.04 3.09 20.97
C SER B 157 -1.25 1.81 21.15
N GLU B 158 -1.61 0.77 20.40
CA GLU B 158 -0.90 -0.49 20.49
C GLU B 158 -1.16 -1.30 19.22
N ARG B 159 -0.22 -2.19 18.93
CA ARG B 159 -0.32 -3.01 17.72
C ARG B 159 0.52 -4.26 17.92
N LEU B 160 0.15 -5.31 17.19
CA LEU B 160 0.98 -6.51 17.20
C LEU B 160 2.38 -6.17 16.70
N ILE B 161 3.38 -6.85 17.26
CA ILE B 161 4.76 -6.44 17.02
C ILE B 161 5.18 -6.67 15.57
N ASN B 162 4.44 -7.49 14.81
CA ASN B 162 4.76 -7.73 13.41
C ASN B 162 4.19 -6.65 12.49
N MET B 163 3.42 -5.70 13.01
CA MET B 163 2.87 -4.65 12.16
C MET B 163 3.97 -3.68 11.74
N PRO B 164 3.97 -3.22 10.50
CA PRO B 164 5.02 -2.31 10.04
C PRO B 164 4.85 -0.92 10.66
N PRO B 165 5.95 -0.30 11.06
CA PRO B 165 5.83 1.00 11.76
C PRO B 165 5.38 2.14 10.88
N GLU B 166 5.46 1.98 9.55
CA GLU B 166 5.08 3.02 8.61
C GLU B 166 3.59 3.32 8.63
N VAL B 167 2.77 2.47 9.26
CA VAL B 167 1.34 2.76 9.36
C VAL B 167 1.06 3.85 10.37
N VAL B 168 2.03 4.24 11.19
CA VAL B 168 1.73 5.10 12.34
C VAL B 168 1.37 6.52 11.88
N PRO B 169 2.07 7.17 10.95
CA PRO B 169 1.65 8.52 10.55
C PRO B 169 0.23 8.57 10.00
N PRO B 170 -0.17 7.71 9.05
CA PRO B 170 -1.58 7.78 8.62
C PRO B 170 -2.57 7.45 9.72
N LEU B 171 -2.21 6.53 10.62
CA LEU B 171 -3.09 6.22 11.76
C LEU B 171 -3.35 7.47 12.61
N TYR B 172 -2.30 8.20 12.97
CA TYR B 172 -2.47 9.44 13.75
C TYR B 172 -3.21 10.51 12.94
N LYS B 173 -2.87 10.68 11.66
CA LYS B 173 -3.53 11.72 10.88
C LYS B 173 -5.05 11.49 10.79
N ILE B 174 -5.45 10.24 10.56
CA ILE B 174 -6.88 9.92 10.47
C ILE B 174 -7.58 10.17 11.79
N THR B 175 -6.97 9.75 12.90
CA THR B 175 -7.64 9.88 14.19
C THR B 175 -7.69 11.34 14.63
N LEU B 176 -6.64 12.11 14.34
CA LEU B 176 -6.70 13.54 14.63
C LEU B 176 -7.78 14.23 13.81
N GLU B 177 -7.97 13.80 12.57
CA GLU B 177 -9.05 14.34 11.74
C GLU B 177 -10.42 13.99 12.30
N ASP B 178 -10.57 12.80 12.89
CA ASP B 178 -11.82 12.45 13.57
C ASP B 178 -12.19 13.54 14.57
N VAL B 179 -11.21 14.01 15.34
CA VAL B 179 -11.45 15.03 16.35
C VAL B 179 -11.76 16.37 15.69
N ALA B 180 -10.88 16.80 14.78
CA ALA B 180 -11.02 18.13 14.19
C ALA B 180 -12.31 18.26 13.39
N THR B 181 -12.70 17.20 12.67
CA THR B 181 -13.93 17.25 11.88
C THR B 181 -15.15 17.36 12.78
N ALA B 182 -15.19 16.59 13.88
CA ALA B 182 -16.32 16.66 14.80
C ALA B 182 -16.40 18.02 15.47
N LEU B 183 -15.27 18.54 15.93
CA LEU B 183 -15.28 19.83 16.63
C LEU B 183 -15.47 21.00 15.68
N GLY B 184 -14.97 20.87 14.44
CA GLY B 184 -15.01 21.96 13.50
C GLY B 184 -13.95 23.00 13.78
N ASP B 185 -13.82 23.97 12.86
CA ASP B 185 -12.96 25.14 13.06
C ASP B 185 -11.49 24.77 13.24
N ASP B 186 -11.08 23.60 12.73
CA ASP B 186 -9.70 23.09 12.88
C ASP B 186 -9.29 23.02 14.35
N LYS B 187 -10.26 22.79 15.24
CA LYS B 187 -9.95 22.65 16.65
C LYS B 187 -9.28 21.30 16.90
N HIS B 188 -8.65 21.18 18.06
CA HIS B 188 -7.90 19.99 18.41
C HIS B 188 -7.66 19.97 19.91
N TYR B 189 -7.26 18.80 20.41
CA TYR B 189 -6.82 18.72 21.80
C TYR B 189 -5.58 19.59 22.02
N ASP B 190 -5.43 20.07 23.25
CA ASP B 190 -4.25 20.83 23.65
C ASP B 190 -3.11 19.93 24.10
N PHE B 191 -3.44 18.82 24.76
CA PHE B 191 -2.45 17.93 25.34
C PHE B 191 -2.84 16.48 25.11
N TYR B 192 -1.83 15.62 25.14
CA TYR B 192 -1.98 14.18 24.88
C TYR B 192 -1.16 13.43 25.93
N ILE B 193 -1.79 12.50 26.65
CA ILE B 193 -1.09 11.66 27.61
C ILE B 193 -0.94 10.29 26.98
N ILE B 194 0.30 9.90 26.70
CA ILE B 194 0.63 8.66 25.99
C ILE B 194 1.32 7.73 26.97
N VAL B 195 0.73 6.56 27.20
CA VAL B 195 1.40 5.47 27.90
C VAL B 195 1.99 4.53 26.85
N THR B 196 3.24 4.11 27.05
CA THR B 196 3.87 3.20 26.09
C THR B 196 4.80 2.25 26.83
N ARG B 197 5.54 1.45 26.07
CA ARG B 197 6.43 0.44 26.64
C ARG B 197 7.72 0.40 25.86
N LYS B 198 8.81 0.17 26.59
CA LYS B 198 10.15 0.05 26.05
C LYS B 198 10.78 -1.20 26.65
N TYR B 199 11.94 -1.61 26.16
CA TYR B 199 12.54 -2.84 26.67
C TYR B 199 14.05 -2.71 26.76
N GLU B 200 14.62 -3.44 27.73
CA GLU B 200 16.06 -3.53 27.90
C GLU B 200 16.64 -4.56 26.92
N VAL B 201 17.73 -4.18 26.26
CA VAL B 201 18.22 -5.00 25.16
C VAL B 201 18.88 -6.27 25.67
N ASN B 202 19.48 -6.25 26.85
CA ASN B 202 20.07 -7.46 27.42
C ASN B 202 19.42 -7.82 28.76
N GLU B 230 21.50 -0.87 27.21
CA GLU B 230 20.77 -0.35 26.06
C GLU B 230 19.26 -0.53 26.24
N VAL B 231 18.49 0.48 25.83
CA VAL B 231 17.04 0.44 25.84
C VAL B 231 16.56 0.68 24.42
N ASP B 232 15.54 -0.09 24.00
CA ASP B 232 15.00 0.05 22.65
C ASP B 232 13.49 0.19 22.73
N TYR B 233 12.87 0.43 21.58
CA TYR B 233 11.49 0.85 21.47
C TYR B 233 10.62 -0.22 20.83
N PHE B 234 9.51 -0.55 21.48
CA PHE B 234 8.48 -1.32 20.80
C PHE B 234 7.79 -0.47 19.73
N HIS B 235 7.61 0.83 20.01
CA HIS B 235 6.96 1.76 19.10
C HIS B 235 8.01 2.79 18.69
N GLU B 236 8.50 2.68 17.46
CA GLU B 236 9.57 3.57 17.02
C GLU B 236 9.18 5.05 17.12
N GLU B 237 7.89 5.36 17.00
CA GLU B 237 7.46 6.75 17.08
C GLU B 237 7.73 7.36 18.45
N ASP B 238 7.86 6.53 19.49
CA ASP B 238 8.13 7.07 20.83
C ASP B 238 9.46 7.80 20.87
N ARG B 239 10.43 7.39 20.06
CA ARG B 239 11.70 8.10 20.00
C ARG B 239 11.49 9.56 19.65
N PHE B 240 10.53 9.84 18.77
CA PHE B 240 10.23 11.22 18.39
C PHE B 240 9.36 11.91 19.44
N PHE B 241 8.30 11.23 19.92
CA PHE B 241 7.49 11.79 20.99
C PHE B 241 8.35 12.23 22.17
N GLU B 242 9.34 11.40 22.55
CA GLU B 242 10.18 11.72 23.70
C GLU B 242 10.90 13.05 23.53
N LYS B 243 11.36 13.34 22.31
CA LYS B 243 12.14 14.55 22.06
C LYS B 243 11.33 15.82 22.23
N TYR B 244 10.00 15.73 22.12
CA TYR B 244 9.14 16.89 22.18
C TYR B 244 8.29 16.93 23.43
N ALA B 245 8.48 15.99 24.36
CA ALA B 245 7.55 15.79 25.46
C ALA B 245 7.60 16.92 26.47
N LYS B 246 6.42 17.44 26.83
CA LYS B 246 6.31 18.35 27.97
C LYS B 246 6.75 17.66 29.25
N ILE B 247 6.32 16.42 29.44
CA ILE B 247 6.70 15.58 30.58
C ILE B 247 7.00 14.20 30.01
N HIS B 248 8.11 13.59 30.45
CA HIS B 248 8.38 12.20 30.09
C HIS B 248 9.18 11.56 31.21
N PHE B 249 8.66 10.46 31.76
CA PHE B 249 9.36 9.70 32.78
C PHE B 249 9.02 8.23 32.59
N GLU B 250 9.83 7.37 33.21
CA GLU B 250 9.70 5.92 33.02
C GLU B 250 9.81 5.22 34.36
N SER B 251 9.11 4.10 34.48
CA SER B 251 9.22 3.26 35.66
C SER B 251 10.42 2.32 35.53
N GLU B 252 10.80 1.73 36.65
CA GLU B 252 11.86 0.73 36.63
C GLU B 252 11.44 -0.47 35.80
N ALA B 253 12.38 -1.06 35.08
CA ALA B 253 12.07 -2.21 34.25
C ALA B 253 11.63 -3.38 35.11
N LYS B 254 10.61 -4.10 34.63
CA LYS B 254 10.19 -5.36 35.23
C LYS B 254 10.15 -6.40 34.13
N LYS B 255 10.86 -7.51 34.35
CA LYS B 255 11.01 -8.55 33.32
C LYS B 255 11.58 -7.95 32.02
N GLY B 256 12.44 -6.95 32.14
CA GLY B 256 13.06 -6.31 31.00
C GLY B 256 12.19 -5.30 30.27
N VAL B 257 10.97 -5.04 30.73
CA VAL B 257 10.04 -4.14 30.06
C VAL B 257 9.84 -2.90 30.92
N ILE B 258 9.90 -1.73 30.27
CA ILE B 258 9.84 -0.44 30.95
C ILE B 258 8.51 0.22 30.60
N SER B 259 7.77 0.65 31.62
CA SER B 259 6.57 1.46 31.41
C SER B 259 6.99 2.91 31.23
N SER B 260 6.50 3.58 30.19
CA SER B 260 6.95 4.94 29.90
C SER B 260 5.75 5.86 29.71
N TYR B 261 5.84 7.07 30.25
CA TYR B 261 4.72 8.00 30.32
C TYR B 261 5.14 9.31 29.68
N MET B 262 4.36 9.79 28.71
CA MET B 262 4.67 11.03 28.01
C MET B 262 3.45 11.93 27.94
N ILE B 263 3.67 13.23 28.15
CA ILE B 263 2.65 14.25 27.93
C ILE B 263 3.18 15.18 26.85
N LEU B 264 2.42 15.34 25.78
CA LEU B 264 2.82 16.18 24.65
C LEU B 264 1.75 17.23 24.44
N ASP B 265 2.17 18.43 24.03
CA ASP B 265 1.16 19.35 23.52
C ASP B 265 0.93 19.09 22.03
N HIS B 266 -0.14 19.69 21.48
CA HIS B 266 -0.50 19.42 20.09
C HIS B 266 0.63 19.77 19.14
N GLU B 267 1.28 20.92 19.36
CA GLU B 267 2.37 21.27 18.46
C GLU B 267 3.48 20.22 18.47
N GLY B 268 3.79 19.66 19.64
CA GLY B 268 4.82 18.65 19.70
C GLY B 268 4.40 17.36 19.06
N LEU B 269 3.10 17.02 19.15
CA LEU B 269 2.59 15.81 18.51
C LEU B 269 2.68 15.92 17.00
N VAL B 270 2.30 17.09 16.47
CA VAL B 270 2.37 17.32 15.02
C VAL B 270 3.81 17.25 14.54
N LYS B 271 4.73 17.90 15.26
CA LYS B 271 6.14 17.86 14.88
C LYS B 271 6.68 16.44 14.89
N SER B 272 6.27 15.64 15.89
CA SER B 272 6.73 14.25 15.98
C SER B 272 6.27 13.45 14.77
N ILE B 273 4.99 13.56 14.42
CA ILE B 273 4.46 12.80 13.28
C ILE B 273 5.15 13.24 11.99
N ASP B 274 5.38 14.55 11.82
CA ASP B 274 6.06 15.01 10.62
C ASP B 274 7.48 14.43 10.54
N GLU B 275 8.19 14.38 11.67
CA GLU B 275 9.54 13.81 11.67
C GLU B 275 9.53 12.34 11.33
N LEU B 276 8.43 11.66 11.69
CA LEU B 276 8.31 10.22 11.49
C LEU B 276 8.02 9.85 10.04
N GLU B 277 7.59 10.82 9.22
CA GLU B 277 7.13 10.49 7.87
C GLU B 277 8.27 9.91 7.03
N THR B 278 7.94 8.88 6.26
CA THR B 278 8.85 8.22 5.34
C THR B 278 8.19 8.21 3.97
N GLU B 279 8.91 7.73 2.95
CA GLU B 279 8.26 7.63 1.64
C GLU B 279 7.06 6.69 1.71
N ILE B 280 7.18 5.60 2.48
CA ILE B 280 6.10 4.63 2.55
C ILE B 280 4.92 5.18 3.38
N SER B 281 5.20 5.85 4.51
CA SER B 281 4.06 6.36 5.29
C SER B 281 3.31 7.44 4.53
N THR B 282 4.01 8.24 3.73
CA THR B 282 3.35 9.23 2.89
C THR B 282 2.52 8.56 1.80
N TRP B 283 3.06 7.50 1.20
CA TRP B 283 2.29 6.67 0.28
C TRP B 283 1.00 6.17 0.93
N LEU B 284 1.10 5.63 2.15
CA LEU B 284 -0.09 5.13 2.82
C LEU B 284 -1.10 6.24 3.06
N GLU B 285 -0.61 7.43 3.44
CA GLU B 285 -1.51 8.56 3.67
C GLU B 285 -2.28 8.92 2.40
N HIS B 286 -1.60 8.86 1.25
CA HIS B 286 -2.28 9.20 0.00
C HIS B 286 -3.34 8.17 -0.38
N HIS B 287 -3.28 6.96 0.16
CA HIS B 287 -4.21 5.91 -0.20
C HIS B 287 -5.12 5.46 0.93
N HIS B 288 -4.95 6.01 2.13
CA HIS B 288 -5.80 5.66 3.28
C HIS B 288 -6.10 6.96 4.03
N HIS B 289 -7.31 7.47 3.84
CA HIS B 289 -7.65 8.80 4.30
C HIS B 289 -9.16 8.97 4.31
N HIS B 290 -9.63 9.99 5.04
CA HIS B 290 -11.04 10.30 5.03
C HIS B 290 -11.48 10.77 3.64
N HIS B 291 -12.78 10.71 3.41
CA HIS B 291 -13.33 11.25 2.17
C HIS B 291 -13.16 12.77 2.14
#